data_7PKL
#
_entry.id   7PKL
#
_cell.length_a   160.742
_cell.length_b   59.965
_cell.length_c   63.499
_cell.angle_alpha   90.000
_cell.angle_beta   90.000
_cell.angle_gamma   90.000
#
_symmetry.space_group_name_H-M   'P 21 21 2'
#
loop_
_entity.id
_entity.type
_entity.pdbx_description
1 polymer 'trastuzumab Heavy Chain'
2 polymer 'trastuzumab Light Chain VHH fusion'
3 non-polymer 'SULFATE ION'
4 water water
#
loop_
_entity_poly.entity_id
_entity_poly.type
_entity_poly.pdbx_seq_one_letter_code
_entity_poly.pdbx_strand_id
1 'polypeptide(L)'
;EVQLVESGGGLVQPGGSLRLSCAASGFNIKDTYIHWVRQAPGKGLEWVARIYPTNGYTRYADSVKGRFTISADTSKNTAY
LQMNSLRAEDTAVYYCSRWGGDGFYAMDYWGQGTLVTVSSASTKGPSVFPLAPSSKSTSGGTAALGCLVKDYFPEPVTVS
WNSGALTSGVHTFPAVLQSSGLYSLSSVVTVPSSSLGTQTYICNVNHKPSNTKVDKRVEPKSCDKT
;
H
2 'polypeptide(L)'
;EVQLVESGGGLVQAGDSLTLSCAASGRTFSSVAMGWFRQAPGKERKFVANISWNGDSTYYTDSVKGRFTISRDNAKNTVY
LQMSSLKPEDTAVYYCAADVRWTGDGHRADYWGQGTQVTVSSGSSGAGSGSAENLYFQGSGSAENLYFQGSGGADIQMTQ
SPSSLSASVGDRVTITCRASQDVNTAVAWYQQKPGKAPKLLIYSASFLYSGVPSRFSGSRSGTDFTLTISSLQPEDFATY
YCQQHYTTPPTFGQGTKVEIKRTVAAPSVFIFPPSDEQLKSGTASVVCLLNNFYPREAKVQWKVDNALQSGNSQESVTEQ
DSKDSTYSLSSTLTLSKADYEKHKVYACEVTHQGLSSPVTKSFNRGEC
;
L
#
loop_
_chem_comp.id
_chem_comp.type
_chem_comp.name
_chem_comp.formula
SO4 non-polymer 'SULFATE ION' 'O4 S -2'
#
# COMPACT_ATOMS: atom_id res chain seq x y z
N GLU A 1 13.14 -2.30 14.86
CA GLU A 1 12.09 -2.67 13.93
C GLU A 1 12.64 -2.78 12.51
N VAL A 2 12.25 -3.87 11.82
CA VAL A 2 12.59 -4.25 10.46
C VAL A 2 12.27 -3.12 9.48
N GLN A 3 13.21 -2.80 8.56
CA GLN A 3 13.04 -1.77 7.54
C GLN A 3 13.87 -2.08 6.29
N LEU A 4 13.18 -2.11 5.12
CA LEU A 4 13.73 -2.34 3.77
C LEU A 4 13.66 -1.04 2.96
N VAL A 5 14.83 -0.51 2.59
CA VAL A 5 14.92 0.76 1.87
C VAL A 5 15.54 0.53 0.51
N GLU A 6 14.90 1.03 -0.53
CA GLU A 6 15.38 0.82 -1.89
C GLU A 6 16.06 2.05 -2.49
N SER A 7 16.95 1.79 -3.50
CA SER A 7 17.66 2.82 -4.27
C SER A 7 18.07 2.36 -5.67
N GLY A 8 18.06 3.29 -6.62
CA GLY A 8 18.53 3.05 -7.99
C GLY A 8 17.54 2.86 -9.12
N GLY A 9 16.32 3.37 -8.97
CA GLY A 9 15.32 3.32 -10.03
C GLY A 9 15.55 4.48 -10.98
N GLY A 10 14.59 4.72 -11.86
CA GLY A 10 14.70 5.81 -12.80
C GLY A 10 14.74 5.35 -14.23
N LEU A 11 15.11 6.27 -15.13
CA LEU A 11 15.19 6.05 -16.57
C LEU A 11 16.42 5.22 -16.94
N VAL A 12 16.22 4.31 -17.91
CA VAL A 12 17.21 3.40 -18.46
C VAL A 12 16.87 3.13 -19.92
N GLN A 13 17.85 3.28 -20.84
CA GLN A 13 17.67 3.08 -22.30
C GLN A 13 17.27 1.61 -22.62
N PRO A 14 16.36 1.34 -23.60
CA PRO A 14 16.02 -0.06 -23.93
C PRO A 14 17.29 -0.83 -24.31
N GLY A 15 17.34 -2.09 -23.93
CA GLY A 15 18.50 -2.92 -24.13
C GLY A 15 19.48 -2.83 -22.98
N GLY A 16 19.62 -1.61 -22.43
CA GLY A 16 20.49 -1.27 -21.30
C GLY A 16 20.35 -1.97 -19.96
N SER A 17 21.08 -1.45 -18.97
CA SER A 17 21.20 -2.03 -17.63
C SER A 17 20.98 -1.03 -16.47
N LEU A 18 20.38 -1.52 -15.37
CA LEU A 18 20.05 -0.79 -14.12
C LEU A 18 20.12 -1.74 -12.94
N ARG A 19 20.90 -1.40 -11.91
CA ARG A 19 21.03 -2.21 -10.69
C ARG A 19 20.28 -1.55 -9.51
N LEU A 20 19.21 -2.20 -8.99
CA LEU A 20 18.46 -1.71 -7.83
C LEU A 20 19.07 -2.29 -6.56
N SER A 21 19.20 -1.46 -5.49
CA SER A 21 19.70 -1.83 -4.16
C SER A 21 18.56 -1.93 -3.15
N CYS A 22 18.59 -2.96 -2.28
CA CYS A 22 17.62 -3.09 -1.18
C CYS A 22 18.36 -3.19 0.17
N ALA A 23 18.45 -2.06 0.90
CA ALA A 23 19.13 -1.99 2.21
C ALA A 23 18.19 -2.38 3.32
N ALA A 24 18.61 -3.35 4.11
CA ALA A 24 17.87 -3.90 5.22
C ALA A 24 18.46 -3.42 6.54
N SER A 25 17.58 -3.07 7.48
CA SER A 25 17.93 -2.61 8.83
C SER A 25 16.96 -3.25 9.82
N GLY A 26 17.48 -3.66 10.97
CA GLY A 26 16.68 -4.28 12.02
C GLY A 26 16.56 -5.79 11.97
N PHE A 27 17.40 -6.47 11.13
CA PHE A 27 17.47 -7.95 10.96
C PHE A 27 18.63 -8.41 10.02
N ASN A 28 18.96 -9.72 10.04
CA ASN A 28 19.98 -10.27 9.16
C ASN A 28 19.32 -10.92 7.92
N ILE A 29 19.83 -10.61 6.69
CA ILE A 29 19.25 -11.17 5.46
C ILE A 29 19.56 -12.68 5.32
N LYS A 30 20.58 -13.19 6.05
CA LYS A 30 20.97 -14.59 6.16
C LYS A 30 19.84 -15.48 6.80
N ASP A 31 18.94 -14.87 7.58
CA ASP A 31 17.86 -15.59 8.28
C ASP A 31 16.57 -15.83 7.45
N THR A 32 16.35 -15.03 6.39
CA THR A 32 15.14 -15.08 5.58
C THR A 32 15.46 -15.05 4.08
N TYR A 33 14.40 -15.19 3.24
CA TYR A 33 14.47 -15.06 1.80
C TYR A 33 14.13 -13.61 1.49
N ILE A 34 14.89 -12.98 0.58
CA ILE A 34 14.61 -11.62 0.11
C ILE A 34 14.14 -11.74 -1.34
N HIS A 35 13.06 -11.02 -1.68
CA HIS A 35 12.35 -11.04 -2.96
C HIS A 35 12.32 -9.69 -3.66
N TRP A 36 12.05 -9.71 -4.98
CA TRP A 36 11.73 -8.53 -5.76
C TRP A 36 10.38 -8.84 -6.37
N VAL A 37 9.43 -7.89 -6.24
CA VAL A 37 8.05 -7.92 -6.74
C VAL A 37 7.78 -6.59 -7.49
N ARG A 38 7.24 -6.65 -8.70
CA ARG A 38 6.96 -5.44 -9.51
C ARG A 38 5.49 -5.22 -9.77
N GLN A 39 5.20 -4.01 -10.24
CA GLN A 39 3.85 -3.60 -10.54
C GLN A 39 3.84 -2.65 -11.70
N ALA A 40 3.38 -3.13 -12.88
CA ALA A 40 3.25 -2.29 -14.07
C ALA A 40 2.24 -1.16 -13.75
N PRO A 41 2.38 0.07 -14.32
CA PRO A 41 1.43 1.16 -13.99
C PRO A 41 -0.04 0.78 -14.15
N GLY A 42 -0.81 0.91 -13.07
CA GLY A 42 -2.24 0.55 -13.08
C GLY A 42 -2.54 -0.93 -13.23
N LYS A 43 -1.49 -1.77 -13.04
CA LYS A 43 -1.58 -3.23 -13.12
C LYS A 43 -1.35 -3.88 -11.74
N GLY A 44 -1.49 -5.21 -11.68
CA GLY A 44 -1.36 -6.01 -10.47
C GLY A 44 0.07 -6.33 -10.05
N LEU A 45 0.22 -7.22 -9.08
CA LEU A 45 1.56 -7.54 -8.56
C LEU A 45 2.21 -8.77 -9.19
N GLU A 46 3.47 -8.61 -9.64
CA GLU A 46 4.23 -9.70 -10.26
C GLU A 46 5.51 -10.05 -9.49
N TRP A 47 5.60 -11.29 -8.95
CA TRP A 47 6.81 -11.78 -8.29
C TRP A 47 7.90 -11.90 -9.40
N VAL A 48 9.06 -11.23 -9.18
CA VAL A 48 10.19 -11.14 -10.11
C VAL A 48 11.22 -12.24 -9.85
N ALA A 49 11.84 -12.20 -8.68
CA ALA A 49 12.94 -13.06 -8.26
C ALA A 49 13.00 -13.20 -6.73
N ARG A 50 13.94 -14.07 -6.24
CA ARG A 50 14.18 -14.31 -4.81
C ARG A 50 15.57 -14.88 -4.55
N ILE A 51 16.10 -14.65 -3.33
CA ILE A 51 17.42 -15.11 -2.92
C ILE A 51 17.43 -15.60 -1.46
N TYR A 52 18.26 -16.60 -1.18
CA TYR A 52 18.49 -17.06 0.18
C TYR A 52 19.92 -16.57 0.43
N PRO A 53 20.10 -15.35 0.98
CA PRO A 53 21.46 -14.77 1.07
C PRO A 53 22.53 -15.65 1.74
N THR A 54 22.15 -16.63 2.57
CA THR A 54 23.10 -17.55 3.19
C THR A 54 23.96 -18.26 2.14
N ASN A 55 23.35 -19.14 1.30
CA ASN A 55 24.04 -19.90 0.27
C ASN A 55 24.05 -19.22 -1.12
N GLY A 56 23.19 -18.22 -1.29
CA GLY A 56 23.09 -17.47 -2.54
C GLY A 56 22.15 -18.08 -3.56
N TYR A 57 21.38 -19.13 -3.16
CA TYR A 57 20.43 -19.87 -3.99
C TYR A 57 19.28 -18.94 -4.46
N THR A 58 19.23 -18.69 -5.78
CA THR A 58 18.26 -17.81 -6.41
C THR A 58 17.18 -18.61 -7.14
N ARG A 59 16.05 -17.96 -7.45
CA ARG A 59 14.92 -18.47 -8.22
C ARG A 59 14.27 -17.25 -8.92
N TYR A 60 14.02 -17.35 -10.24
CA TYR A 60 13.45 -16.26 -11.07
C TYR A 60 12.12 -16.64 -11.76
N ALA A 61 11.37 -15.62 -12.22
CA ALA A 61 10.15 -15.81 -13.01
C ALA A 61 10.60 -15.86 -14.49
N ASP A 62 10.10 -16.85 -15.27
CA ASP A 62 10.47 -17.09 -16.67
C ASP A 62 10.63 -15.78 -17.39
N SER A 63 9.73 -14.81 -17.12
CA SER A 63 9.68 -13.44 -17.68
C SER A 63 10.97 -12.61 -17.54
N VAL A 64 11.79 -12.93 -16.52
CA VAL A 64 13.05 -12.23 -16.21
C VAL A 64 14.23 -13.18 -16.25
N LYS A 65 13.99 -14.49 -16.49
CA LYS A 65 15.04 -15.51 -16.57
C LYS A 65 16.06 -15.21 -17.66
N GLY A 66 17.33 -15.30 -17.30
CA GLY A 66 18.47 -15.03 -18.17
C GLY A 66 18.79 -13.56 -18.34
N ARG A 67 17.84 -12.69 -17.95
CA ARG A 67 17.95 -11.24 -18.09
C ARG A 67 18.25 -10.47 -16.81
N PHE A 68 17.63 -10.86 -15.69
CA PHE A 68 17.81 -10.15 -14.42
C PHE A 68 18.54 -11.04 -13.49
N THR A 69 19.32 -10.44 -12.55
CA THR A 69 20.09 -11.23 -11.59
C THR A 69 19.96 -10.64 -10.20
N ILE A 70 19.40 -11.48 -9.30
CA ILE A 70 19.22 -11.17 -7.89
C ILE A 70 20.48 -11.65 -7.18
N SER A 71 21.07 -10.79 -6.35
CA SER A 71 22.30 -11.10 -5.64
C SER A 71 22.28 -10.37 -4.32
N ALA A 72 23.00 -10.87 -3.31
CA ALA A 72 23.04 -10.20 -2.00
C ALA A 72 24.49 -10.01 -1.54
N ASP A 73 24.67 -9.14 -0.54
CA ASP A 73 25.93 -8.84 0.11
C ASP A 73 25.57 -8.76 1.57
N THR A 74 25.88 -9.84 2.32
CA THR A 74 25.56 -9.93 3.74
C THR A 74 26.38 -8.93 4.52
N SER A 75 27.68 -8.78 4.16
CA SER A 75 28.61 -7.85 4.80
C SER A 75 28.03 -6.44 4.91
N LYS A 76 27.20 -6.04 3.91
CA LYS A 76 26.48 -4.76 3.81
C LYS A 76 24.99 -4.87 4.23
N ASN A 77 24.47 -6.11 4.37
CA ASN A 77 23.07 -6.46 4.68
C ASN A 77 22.14 -5.83 3.63
N THR A 78 22.57 -5.95 2.36
CA THR A 78 21.87 -5.44 1.18
C THR A 78 21.71 -6.58 0.16
N ALA A 79 20.53 -6.63 -0.49
CA ALA A 79 20.18 -7.50 -1.62
C ALA A 79 20.14 -6.53 -2.83
N TYR A 80 20.27 -7.08 -4.05
CA TYR A 80 20.32 -6.34 -5.31
C TYR A 80 19.52 -7.00 -6.42
N LEU A 81 19.06 -6.20 -7.42
CA LEU A 81 18.42 -6.71 -8.64
C LEU A 81 19.06 -6.03 -9.84
N GLN A 82 20.01 -6.72 -10.48
CA GLN A 82 20.67 -6.17 -11.66
C GLN A 82 19.82 -6.53 -12.86
N MET A 83 19.24 -5.51 -13.49
CA MET A 83 18.41 -5.64 -14.68
C MET A 83 19.23 -5.35 -15.93
N ASN A 84 19.20 -6.30 -16.91
CA ASN A 84 19.87 -6.24 -18.23
C ASN A 84 18.80 -6.59 -19.28
N SER A 85 19.11 -6.33 -20.58
CA SER A 85 18.26 -6.61 -21.77
C SER A 85 16.86 -6.07 -21.54
N LEU A 86 16.83 -4.79 -21.18
CA LEU A 86 15.62 -4.12 -20.75
C LEU A 86 14.64 -3.83 -21.87
N ARG A 87 13.42 -4.37 -21.69
CA ARG A 87 12.27 -4.21 -22.60
C ARG A 87 11.26 -3.25 -21.96
N ALA A 88 10.26 -2.81 -22.74
CA ALA A 88 9.21 -1.88 -22.28
C ALA A 88 8.21 -2.53 -21.35
N GLU A 89 8.09 -3.87 -21.38
CA GLU A 89 7.15 -4.57 -20.48
C GLU A 89 7.66 -4.58 -19.03
N ASP A 90 8.98 -4.26 -18.85
CA ASP A 90 9.73 -4.13 -17.59
C ASP A 90 9.52 -2.77 -16.92
N THR A 91 8.81 -1.82 -17.56
CA THR A 91 8.54 -0.52 -16.96
C THR A 91 7.53 -0.78 -15.83
N ALA A 92 7.98 -0.60 -14.58
CA ALA A 92 7.20 -0.89 -13.39
C ALA A 92 7.87 -0.36 -12.14
N VAL A 93 7.09 -0.26 -11.04
CA VAL A 93 7.60 0.09 -9.71
C VAL A 93 8.14 -1.22 -9.18
N TYR A 94 9.36 -1.20 -8.66
CA TYR A 94 10.01 -2.40 -8.16
C TYR A 94 10.14 -2.36 -6.67
N TYR A 95 9.48 -3.31 -6.02
CA TYR A 95 9.51 -3.46 -4.59
C TYR A 95 10.38 -4.65 -4.23
N CYS A 96 11.01 -4.59 -3.08
CA CYS A 96 11.66 -5.74 -2.53
C CYS A 96 10.83 -6.06 -1.27
N SER A 97 10.89 -7.30 -0.82
CA SER A 97 10.17 -7.70 0.37
C SER A 97 10.89 -8.91 0.86
N ARG A 98 10.65 -9.26 2.11
CA ARG A 98 11.26 -10.42 2.71
C ARG A 98 10.16 -11.40 3.08
N TRP A 99 10.56 -12.61 3.48
CA TRP A 99 9.62 -13.60 3.96
C TRP A 99 9.93 -13.79 5.40
N GLY A 100 9.05 -13.29 6.25
CA GLY A 100 9.23 -13.43 7.70
C GLY A 100 8.15 -14.33 8.26
N GLY A 101 8.48 -15.00 9.37
CA GLY A 101 7.54 -15.89 10.04
C GLY A 101 8.13 -17.00 10.88
N ASP A 102 7.30 -17.61 11.72
CA ASP A 102 7.70 -18.73 12.55
C ASP A 102 6.69 -19.86 12.32
N GLY A 103 7.12 -20.81 11.49
CA GLY A 103 6.31 -21.96 11.09
C GLY A 103 5.36 -21.62 9.97
N PHE A 104 5.76 -20.59 9.19
CA PHE A 104 5.06 -19.99 8.06
C PHE A 104 5.96 -18.92 7.41
N TYR A 105 5.62 -18.54 6.15
CA TYR A 105 6.22 -17.47 5.37
C TYR A 105 5.15 -16.45 4.98
N ALA A 106 5.49 -15.15 5.04
CA ALA A 106 4.61 -14.04 4.68
C ALA A 106 5.47 -12.78 4.50
N MET A 107 5.17 -11.99 3.44
CA MET A 107 5.92 -10.77 3.12
C MET A 107 5.43 -9.67 4.06
N ASP A 108 5.91 -9.75 5.31
CA ASP A 108 5.54 -8.82 6.38
C ASP A 108 6.09 -7.41 6.15
N TYR A 109 7.34 -7.34 5.68
CA TYR A 109 8.01 -6.08 5.42
C TYR A 109 8.38 -5.99 3.96
N TRP A 110 8.18 -4.80 3.39
CA TRP A 110 8.41 -4.50 1.98
C TRP A 110 9.31 -3.27 1.90
N GLY A 111 9.76 -2.94 0.69
CA GLY A 111 10.49 -1.72 0.39
C GLY A 111 9.47 -0.66 0.03
N GLN A 112 9.90 0.63 -0.13
CA GLN A 112 9.04 1.79 -0.46
C GLN A 112 8.65 1.88 -1.97
N GLY A 113 9.34 1.10 -2.80
CA GLY A 113 9.14 1.08 -4.25
C GLY A 113 10.07 2.07 -4.91
N THR A 114 10.41 1.78 -6.16
CA THR A 114 11.25 2.60 -7.04
C THR A 114 10.81 2.32 -8.45
N LEU A 115 10.33 3.37 -9.14
CA LEU A 115 9.85 3.23 -10.52
C LEU A 115 11.01 3.26 -11.48
N VAL A 116 11.02 2.27 -12.37
CA VAL A 116 11.98 2.05 -13.44
C VAL A 116 11.21 2.29 -14.71
N THR A 117 11.68 3.26 -15.53
CA THR A 117 11.10 3.61 -16.82
C THR A 117 12.12 3.16 -17.87
N VAL A 118 11.72 2.22 -18.77
CA VAL A 118 12.57 1.74 -19.87
C VAL A 118 12.21 2.59 -21.11
N SER A 119 13.02 3.65 -21.41
CA SER A 119 12.75 4.56 -22.53
C SER A 119 13.99 5.12 -23.15
N SER A 120 13.91 5.29 -24.48
CA SER A 120 14.93 5.82 -25.38
C SER A 120 15.06 7.35 -25.22
N ALA A 121 13.94 7.98 -24.77
CA ALA A 121 13.78 9.42 -24.55
C ALA A 121 14.74 9.94 -23.52
N SER A 122 14.88 11.28 -23.43
CA SER A 122 15.83 11.86 -22.48
C SER A 122 15.16 12.51 -21.25
N THR A 123 15.91 12.52 -20.13
CA THR A 123 15.45 13.13 -18.88
C THR A 123 15.22 14.65 -19.05
N LYS A 124 14.24 15.19 -18.32
CA LYS A 124 13.92 16.60 -18.34
C LYS A 124 13.33 17.01 -16.99
N GLY A 125 13.96 18.00 -16.35
CA GLY A 125 13.53 18.56 -15.07
C GLY A 125 12.30 19.42 -15.22
N PRO A 126 11.36 19.39 -14.24
CA PRO A 126 10.11 20.16 -14.39
C PRO A 126 10.25 21.67 -14.32
N SER A 127 9.19 22.37 -14.73
CA SER A 127 9.04 23.82 -14.68
C SER A 127 7.92 24.05 -13.68
N VAL A 128 8.24 24.64 -12.49
CA VAL A 128 7.27 24.87 -11.43
C VAL A 128 6.79 26.32 -11.35
N PHE A 129 5.48 26.49 -11.42
CA PHE A 129 4.84 27.79 -11.36
C PHE A 129 3.81 27.75 -10.26
N PRO A 130 3.60 28.88 -9.54
CA PRO A 130 2.57 28.89 -8.49
C PRO A 130 1.15 28.99 -9.03
N LEU A 131 0.21 28.32 -8.38
CA LEU A 131 -1.22 28.42 -8.66
C LEU A 131 -1.75 29.31 -7.49
N ALA A 132 -1.40 30.60 -7.55
CA ALA A 132 -1.64 31.65 -6.55
C ALA A 132 -3.09 31.81 -6.06
N PRO A 133 -3.28 31.90 -4.70
CA PRO A 133 -4.64 32.05 -4.14
C PRO A 133 -5.26 33.41 -4.42
N SER A 134 -6.47 33.38 -4.97
CA SER A 134 -7.24 34.55 -5.39
C SER A 134 -8.61 34.60 -4.69
N SER A 135 -9.42 35.65 -4.96
CA SER A 135 -10.78 35.76 -4.42
C SER A 135 -11.71 34.86 -5.26
N LYS A 136 -11.22 34.45 -6.47
CA LYS A 136 -11.85 33.56 -7.45
C LYS A 136 -11.41 32.09 -7.19
N SER A 137 -10.57 31.93 -6.14
CA SER A 137 -10.08 30.67 -5.60
C SER A 137 -10.34 30.63 -4.05
N THR A 138 -11.46 31.30 -3.60
CA THR A 138 -11.95 31.36 -2.21
C THR A 138 -13.47 31.05 -2.18
N SER A 139 -13.93 30.28 -1.17
CA SER A 139 -15.34 29.92 -0.99
C SER A 139 -15.68 29.57 0.45
N GLY A 140 -16.28 30.54 1.16
CA GLY A 140 -16.72 30.40 2.55
C GLY A 140 -15.62 30.10 3.56
N GLY A 141 -14.54 30.88 3.53
CA GLY A 141 -13.42 30.75 4.46
C GLY A 141 -12.32 29.76 4.11
N THR A 142 -12.48 29.03 2.98
CA THR A 142 -11.49 28.03 2.54
C THR A 142 -10.86 28.44 1.23
N ALA A 143 -9.59 28.87 1.31
CA ALA A 143 -8.81 29.27 0.16
C ALA A 143 -7.99 28.09 -0.40
N ALA A 144 -8.06 27.90 -1.74
CA ALA A 144 -7.25 26.88 -2.42
C ALA A 144 -6.07 27.55 -3.09
N LEU A 145 -4.95 26.83 -3.12
CA LEU A 145 -3.71 27.24 -3.76
C LEU A 145 -2.95 25.99 -4.21
N GLY A 146 -1.97 26.17 -5.07
CA GLY A 146 -1.22 25.03 -5.56
C GLY A 146 0.06 25.34 -6.30
N CYS A 147 0.53 24.33 -7.04
CA CYS A 147 1.74 24.38 -7.85
C CYS A 147 1.56 23.58 -9.12
N LEU A 148 1.97 24.17 -10.24
CA LEU A 148 1.95 23.52 -11.54
C LEU A 148 3.36 22.95 -11.79
N VAL A 149 3.46 21.67 -12.13
CA VAL A 149 4.73 20.97 -12.36
C VAL A 149 4.76 20.48 -13.80
N LYS A 150 4.91 21.42 -14.72
CA LYS A 150 4.89 21.16 -16.16
C LYS A 150 6.21 20.66 -16.69
N ASP A 151 6.15 19.88 -17.78
CA ASP A 151 7.21 19.36 -18.67
C ASP A 151 8.38 18.67 -18.03
N TYR A 152 8.16 17.43 -17.58
CA TYR A 152 9.21 16.61 -16.99
C TYR A 152 9.14 15.19 -17.51
N PHE A 153 10.30 14.51 -17.57
CA PHE A 153 10.40 13.12 -18.00
C PHE A 153 11.61 12.47 -17.36
N PRO A 154 11.52 11.22 -16.87
CA PRO A 154 10.32 10.38 -16.78
C PRO A 154 9.54 10.74 -15.51
N GLU A 155 8.61 9.89 -15.13
CA GLU A 155 7.98 10.07 -13.84
C GLU A 155 8.97 9.47 -12.84
N PRO A 156 8.94 9.83 -11.54
CA PRO A 156 7.93 10.62 -10.85
C PRO A 156 8.43 11.93 -10.25
N VAL A 157 7.50 12.86 -9.99
CA VAL A 157 7.82 14.05 -9.21
C VAL A 157 7.05 13.90 -7.92
N THR A 158 7.62 14.40 -6.82
CA THR A 158 6.97 14.32 -5.51
C THR A 158 6.84 15.71 -4.98
N VAL A 159 5.62 16.05 -4.56
CA VAL A 159 5.33 17.36 -4.04
C VAL A 159 4.98 17.23 -2.56
N SER A 160 5.65 18.06 -1.75
CA SER A 160 5.41 18.22 -0.34
C SER A 160 5.11 19.72 -0.13
N TRP A 161 4.45 20.09 0.99
CA TRP A 161 4.12 21.50 1.25
C TRP A 161 4.69 21.92 2.60
N ASN A 162 5.40 23.06 2.61
CA ASN A 162 6.06 23.66 3.77
C ASN A 162 7.05 22.68 4.45
N SER A 163 7.77 21.86 3.62
CA SER A 163 8.74 20.83 4.01
C SER A 163 8.08 19.63 4.72
N GLY A 164 6.80 19.44 4.44
CA GLY A 164 6.04 18.35 5.04
C GLY A 164 5.29 18.70 6.31
N ALA A 165 5.29 20.01 6.70
CA ALA A 165 4.57 20.55 7.87
C ALA A 165 3.07 20.60 7.54
N LEU A 166 2.77 20.78 6.22
CA LEU A 166 1.43 20.88 5.64
C LEU A 166 1.12 19.64 4.82
N THR A 167 0.21 18.84 5.35
CA THR A 167 -0.22 17.59 4.72
C THR A 167 -1.72 17.58 4.54
N SER A 168 -2.46 18.23 5.45
CA SER A 168 -3.92 18.24 5.40
C SER A 168 -4.45 19.08 4.24
N GLY A 169 -5.40 18.50 3.52
CA GLY A 169 -6.06 19.15 2.39
C GLY A 169 -5.20 19.24 1.13
N VAL A 170 -4.04 18.53 1.13
CA VAL A 170 -3.13 18.42 0.00
C VAL A 170 -3.73 17.39 -0.97
N HIS A 171 -3.57 17.62 -2.27
CA HIS A 171 -3.97 16.76 -3.37
C HIS A 171 -2.96 16.95 -4.52
N THR A 172 -1.96 16.06 -4.61
CA THR A 172 -1.00 16.07 -5.70
C THR A 172 -1.61 15.10 -6.71
N PHE A 173 -2.19 15.68 -7.76
CA PHE A 173 -2.85 14.93 -8.84
C PHE A 173 -1.95 13.91 -9.58
N PRO A 174 -2.49 12.78 -10.12
CA PRO A 174 -1.66 11.90 -10.98
C PRO A 174 -1.18 12.75 -12.16
N ALA A 175 -0.04 12.38 -12.82
CA ALA A 175 0.46 13.17 -13.95
C ALA A 175 -0.33 12.89 -15.18
N VAL A 176 -0.39 13.89 -16.08
CA VAL A 176 -1.05 13.82 -17.38
C VAL A 176 0.03 13.77 -18.48
N LEU A 177 -0.13 12.88 -19.48
CA LEU A 177 0.82 12.80 -20.59
C LEU A 177 0.41 13.82 -21.66
N GLN A 178 1.35 14.70 -22.04
CA GLN A 178 1.00 15.77 -22.98
C GLN A 178 1.28 15.35 -24.45
N SER A 179 0.99 16.27 -25.40
CA SER A 179 1.22 16.07 -26.82
C SER A 179 2.73 15.96 -27.05
N SER A 180 3.50 16.72 -26.25
CA SER A 180 4.96 16.76 -26.27
C SER A 180 5.56 15.44 -25.97
N GLY A 181 4.89 14.66 -25.11
CA GLY A 181 5.39 13.38 -24.62
C GLY A 181 5.94 13.54 -23.22
N LEU A 182 5.87 14.78 -22.69
CA LEU A 182 6.32 15.09 -21.35
C LEU A 182 5.13 15.12 -20.36
N TYR A 183 5.40 14.80 -19.12
CA TYR A 183 4.39 14.80 -18.08
C TYR A 183 4.22 16.17 -17.47
N SER A 184 3.03 16.39 -16.96
CA SER A 184 2.67 17.59 -16.21
C SER A 184 1.62 17.18 -15.19
N LEU A 185 1.77 17.69 -13.95
CA LEU A 185 0.86 17.48 -12.84
C LEU A 185 0.75 18.73 -12.02
N SER A 186 -0.36 18.88 -11.28
CA SER A 186 -0.63 19.93 -10.30
C SER A 186 -0.64 19.24 -8.93
N SER A 187 -0.48 20.06 -7.89
CA SER A 187 -0.55 19.75 -6.48
C SER A 187 -1.20 20.93 -5.88
N VAL A 188 -2.37 20.71 -5.29
CA VAL A 188 -3.14 21.76 -4.65
C VAL A 188 -3.26 21.48 -3.15
N VAL A 189 -3.49 22.53 -2.38
CA VAL A 189 -3.73 22.52 -0.94
C VAL A 189 -4.82 23.57 -0.58
N THR A 190 -5.80 23.20 0.26
CA THR A 190 -6.82 24.14 0.73
C THR A 190 -6.49 24.48 2.16
N VAL A 191 -6.26 25.78 2.40
CA VAL A 191 -5.88 26.36 3.70
C VAL A 191 -6.94 27.38 4.16
N PRO A 192 -7.11 27.67 5.47
CA PRO A 192 -8.13 28.66 5.88
C PRO A 192 -7.83 30.05 5.35
N SER A 193 -8.88 30.87 5.11
CA SER A 193 -8.78 32.25 4.60
C SER A 193 -7.94 33.15 5.51
N SER A 194 -8.00 32.91 6.82
CA SER A 194 -7.27 33.66 7.84
C SER A 194 -5.74 33.47 7.74
N SER A 195 -5.31 32.28 7.27
CA SER A 195 -3.90 31.89 7.15
C SER A 195 -3.16 32.58 6.00
N LEU A 196 -3.81 32.85 4.86
CA LEU A 196 -3.16 33.55 3.73
C LEU A 196 -2.66 34.89 4.23
N GLY A 197 -1.56 35.38 3.67
CA GLY A 197 -1.05 36.67 4.14
C GLY A 197 -0.24 36.60 5.42
N THR A 198 -0.69 35.81 6.44
CA THR A 198 0.05 35.63 7.71
C THR A 198 1.00 34.40 7.70
N GLN A 199 0.66 33.36 6.91
CA GLN A 199 1.38 32.11 6.78
C GLN A 199 1.97 31.96 5.38
N THR A 200 3.24 31.44 5.30
CA THR A 200 4.04 31.23 4.07
C THR A 200 3.71 29.89 3.43
N TYR A 201 3.46 29.89 2.11
CA TYR A 201 3.18 28.64 1.40
C TYR A 201 4.18 28.35 0.32
N ILE A 202 4.90 27.21 0.49
CA ILE A 202 5.95 26.72 -0.39
C ILE A 202 5.68 25.27 -0.75
N CYS A 203 5.79 24.94 -2.04
CA CYS A 203 5.64 23.58 -2.54
C CYS A 203 7.03 23.07 -2.89
N ASN A 204 7.35 21.86 -2.43
CA ASN A 204 8.65 21.21 -2.62
C ASN A 204 8.62 20.06 -3.62
N VAL A 205 8.90 20.42 -4.88
CA VAL A 205 8.96 19.52 -6.05
C VAL A 205 10.35 18.87 -6.14
N ASN A 206 10.36 17.53 -6.35
CA ASN A 206 11.57 16.73 -6.51
C ASN A 206 11.44 15.75 -7.64
N HIS A 207 12.24 15.97 -8.69
CA HIS A 207 12.33 15.10 -9.83
C HIS A 207 13.68 14.39 -9.68
N LYS A 208 13.64 13.21 -9.08
CA LYS A 208 14.86 12.46 -8.84
C LYS A 208 15.56 12.05 -10.13
N PRO A 209 14.85 11.57 -11.19
CA PRO A 209 15.54 11.14 -12.43
C PRO A 209 16.56 12.12 -13.06
N SER A 210 16.33 13.43 -12.89
CA SER A 210 17.23 14.50 -13.35
C SER A 210 17.71 15.35 -12.16
N ASN A 211 17.73 14.78 -10.93
CA ASN A 211 18.14 15.45 -9.69
C ASN A 211 17.65 16.89 -9.57
N THR A 212 16.37 17.14 -9.85
CA THR A 212 15.81 18.49 -9.72
C THR A 212 15.09 18.57 -8.39
N LYS A 213 15.32 19.67 -7.65
CA LYS A 213 14.69 20.00 -6.38
C LYS A 213 14.38 21.49 -6.44
N VAL A 214 13.09 21.84 -6.53
CA VAL A 214 12.59 23.19 -6.65
C VAL A 214 11.62 23.46 -5.51
N ASP A 215 11.77 24.63 -4.82
CA ASP A 215 10.93 25.06 -3.70
C ASP A 215 10.13 26.35 -4.01
N LYS A 216 9.25 26.32 -5.04
CA LYS A 216 8.43 27.49 -5.45
C LYS A 216 7.47 27.99 -4.33
N ARG A 217 7.55 29.31 -4.03
CA ARG A 217 6.76 30.04 -3.06
C ARG A 217 5.51 30.62 -3.73
N VAL A 218 4.33 30.24 -3.20
CA VAL A 218 3.01 30.60 -3.70
C VAL A 218 2.48 31.74 -2.86
N GLU A 219 2.47 32.95 -3.47
CA GLU A 219 2.02 34.20 -2.86
C GLU A 219 0.71 34.60 -3.53
N PRO A 220 -0.24 35.26 -2.82
CA PRO A 220 -1.53 35.65 -3.45
C PRO A 220 -1.49 36.61 -4.66
N LYS A 221 -2.69 36.84 -5.24
CA LYS A 221 -2.87 37.71 -6.40
C LYS A 221 -2.98 39.18 -5.98
N VAL B 2 -11.42 -11.22 31.55
CA VAL B 2 -10.92 -12.33 30.72
C VAL B 2 -9.69 -12.98 31.37
N GLN B 3 -9.74 -14.32 31.50
CA GLN B 3 -8.70 -15.15 32.08
C GLN B 3 -8.58 -16.49 31.32
N LEU B 4 -7.33 -16.93 31.06
CA LEU B 4 -7.02 -18.21 30.42
C LEU B 4 -6.38 -19.08 31.48
N VAL B 5 -6.95 -20.27 31.73
CA VAL B 5 -6.40 -21.16 32.75
C VAL B 5 -6.01 -22.50 32.14
N GLU B 6 -4.68 -22.79 32.15
CA GLU B 6 -4.09 -24.03 31.65
C GLU B 6 -4.23 -25.15 32.66
N SER B 7 -4.36 -26.40 32.16
CA SER B 7 -4.45 -27.63 32.95
C SER B 7 -4.00 -28.88 32.16
N GLY B 8 -3.16 -29.70 32.77
CA GLY B 8 -2.70 -30.94 32.16
C GLY B 8 -1.21 -31.26 32.19
N GLY B 9 -0.39 -30.32 32.68
CA GLY B 9 1.06 -30.48 32.73
C GLY B 9 1.51 -31.57 33.69
N GLY B 10 2.64 -32.22 33.40
CA GLY B 10 3.16 -33.27 34.24
C GLY B 10 4.56 -33.72 33.93
N LEU B 11 5.03 -34.72 34.69
CA LEU B 11 6.33 -35.35 34.50
C LEU B 11 6.09 -36.50 33.56
N VAL B 12 6.92 -36.56 32.52
CA VAL B 12 6.80 -37.50 31.45
C VAL B 12 8.22 -37.99 31.06
N GLN B 13 8.33 -39.22 30.56
CA GLN B 13 9.61 -39.74 30.10
C GLN B 13 9.78 -39.37 28.59
N ALA B 14 11.03 -39.38 28.05
CA ALA B 14 11.24 -39.01 26.64
C ALA B 14 10.47 -39.96 25.71
N GLY B 15 9.86 -39.37 24.69
CA GLY B 15 9.07 -40.10 23.71
C GLY B 15 7.64 -40.40 24.11
N ASP B 16 7.16 -39.88 25.29
CA ASP B 16 5.76 -40.00 25.76
C ASP B 16 4.85 -38.95 25.07
N SER B 17 3.59 -38.78 25.55
CA SER B 17 2.62 -37.91 24.91
C SER B 17 1.66 -37.25 25.88
N LEU B 18 1.70 -35.88 25.96
CA LEU B 18 0.89 -35.09 26.89
C LEU B 18 -0.04 -34.08 26.17
N THR B 19 -1.26 -33.95 26.70
CA THR B 19 -2.25 -33.04 26.16
C THR B 19 -2.49 -31.93 27.18
N LEU B 20 -2.45 -30.67 26.72
CA LEU B 20 -2.64 -29.51 27.58
C LEU B 20 -3.90 -28.81 27.17
N SER B 21 -4.80 -28.59 28.10
CA SER B 21 -6.06 -27.89 27.86
C SER B 21 -5.93 -26.48 28.36
N CYS B 22 -6.64 -25.50 27.71
CA CYS B 22 -6.67 -24.10 28.12
C CYS B 22 -8.09 -23.54 28.13
N ALA B 23 -8.67 -23.41 29.32
CA ALA B 23 -10.02 -22.86 29.55
C ALA B 23 -10.01 -21.31 29.54
N ALA B 24 -10.66 -20.72 28.51
CA ALA B 24 -10.76 -19.27 28.33
C ALA B 24 -12.10 -18.80 28.80
N SER B 25 -12.10 -17.96 29.86
CA SER B 25 -13.30 -17.38 30.49
C SER B 25 -13.21 -15.86 30.57
N GLY B 26 -14.17 -15.19 29.96
CA GLY B 26 -14.29 -13.73 29.93
C GLY B 26 -15.68 -13.25 29.54
N THR B 28 -16.02 -12.88 23.93
CA THR B 28 -15.78 -14.32 23.72
C THR B 28 -14.47 -14.54 22.88
N PHE B 29 -14.04 -15.83 22.76
CA PHE B 29 -12.77 -16.23 22.15
C PHE B 29 -12.84 -16.70 20.68
N SER B 30 -14.04 -17.09 20.20
CA SER B 30 -14.30 -17.67 18.87
C SER B 30 -13.98 -16.78 17.65
N SER B 31 -13.68 -15.49 17.87
CA SER B 31 -13.36 -14.57 16.77
C SER B 31 -11.84 -14.31 16.64
N VAL B 32 -11.07 -14.75 17.62
CA VAL B 32 -9.63 -14.53 17.71
C VAL B 32 -8.78 -15.83 17.60
N ALA B 33 -7.52 -15.67 17.15
CA ALA B 33 -6.51 -16.72 17.06
C ALA B 33 -6.00 -17.06 18.43
N MET B 34 -5.97 -18.37 18.74
CA MET B 34 -5.49 -18.90 20.03
C MET B 34 -4.21 -19.61 19.77
N GLY B 35 -3.27 -19.49 20.68
CA GLY B 35 -1.99 -20.18 20.52
C GLY B 35 -1.31 -20.60 21.79
N TRP B 36 -0.23 -21.32 21.62
CA TRP B 36 0.58 -21.79 22.72
C TRP B 36 2.01 -21.26 22.66
N PHE B 37 2.50 -20.81 23.81
CA PHE B 37 3.89 -20.36 23.92
C PHE B 37 4.52 -21.29 24.91
N ARG B 38 5.86 -21.29 25.02
CA ARG B 38 6.57 -22.08 26.03
C ARG B 38 7.75 -21.28 26.54
N GLN B 39 8.18 -21.57 27.76
CA GLN B 39 9.29 -20.82 28.31
C GLN B 39 10.09 -21.63 29.29
N ALA B 40 11.40 -21.63 29.10
CA ALA B 40 12.34 -22.27 30.00
C ALA B 40 12.86 -21.15 30.91
N PRO B 41 12.80 -21.33 32.24
CA PRO B 41 13.29 -20.29 33.16
C PRO B 41 14.68 -19.75 32.83
N GLY B 42 14.83 -18.43 32.91
CA GLY B 42 16.08 -17.72 32.62
C GLY B 42 16.25 -17.34 31.17
N LYS B 43 15.41 -17.90 30.32
CA LYS B 43 15.44 -17.66 28.90
C LYS B 43 14.10 -17.02 28.49
N GLU B 44 14.12 -16.15 27.49
CA GLU B 44 12.95 -15.45 26.98
C GLU B 44 11.83 -16.43 26.55
N ARG B 45 10.56 -15.99 26.68
CA ARG B 45 9.35 -16.74 26.28
C ARG B 45 9.32 -16.92 24.74
N LYS B 46 9.18 -18.16 24.24
CA LYS B 46 9.15 -18.46 22.81
C LYS B 46 7.84 -19.07 22.37
N PHE B 47 7.44 -18.77 21.13
CA PHE B 47 6.18 -19.25 20.52
C PHE B 47 6.22 -20.74 20.19
N VAL B 48 5.07 -21.48 20.34
CA VAL B 48 4.97 -22.91 20.02
C VAL B 48 4.04 -23.15 18.83
N ALA B 49 2.72 -22.95 18.98
CA ALA B 49 1.74 -23.19 17.90
C ALA B 49 0.64 -22.16 17.89
N ASN B 50 -0.05 -22.03 16.74
CA ASN B 50 -1.21 -21.13 16.68
C ASN B 50 -2.37 -21.78 15.97
N ILE B 51 -3.61 -21.45 16.35
CA ILE B 51 -4.89 -21.89 15.73
C ILE B 51 -5.74 -20.66 15.41
N SER B 52 -6.16 -20.55 14.13
CA SER B 52 -6.99 -19.44 13.67
C SER B 52 -8.38 -19.52 14.32
N TRP B 53 -9.09 -18.40 14.42
CA TRP B 53 -10.41 -18.32 15.06
C TRP B 53 -11.43 -19.42 14.71
N ASN B 54 -11.46 -19.86 13.44
CA ASN B 54 -12.41 -20.86 12.97
C ASN B 54 -11.79 -22.26 12.82
N GLY B 55 -10.48 -22.36 13.07
CA GLY B 55 -9.76 -23.61 13.00
C GLY B 55 -9.28 -23.98 11.61
N ASP B 56 -9.54 -23.11 10.59
CA ASP B 56 -9.14 -23.32 9.18
C ASP B 56 -7.69 -23.71 9.07
N SER B 57 -6.82 -22.98 9.80
CA SER B 57 -5.38 -23.17 9.73
C SER B 57 -4.70 -23.10 11.05
N THR B 58 -3.57 -23.81 11.11
CA THR B 58 -2.69 -23.88 12.25
C THR B 58 -1.28 -23.76 11.75
N TYR B 59 -0.33 -23.49 12.64
CA TYR B 59 1.07 -23.46 12.28
C TYR B 59 1.89 -23.69 13.55
N TYR B 60 3.02 -24.39 13.39
CA TYR B 60 3.85 -24.88 14.47
C TYR B 60 5.30 -24.50 14.30
N THR B 61 5.94 -24.08 15.38
CA THR B 61 7.35 -23.72 15.38
C THR B 61 8.10 -24.97 14.84
N ASP B 62 9.13 -24.76 14.05
CA ASP B 62 9.84 -25.84 13.37
C ASP B 62 10.22 -27.03 14.23
N SER B 63 10.62 -26.77 15.49
CA SER B 63 11.10 -27.77 16.46
C SER B 63 10.01 -28.76 16.99
N VAL B 64 8.71 -28.39 16.85
CA VAL B 64 7.55 -29.19 17.27
C VAL B 64 6.67 -29.68 16.07
N LYS B 65 6.92 -29.21 14.84
CA LYS B 65 6.11 -29.64 13.70
C LYS B 65 6.17 -31.17 13.54
N GLY B 66 4.99 -31.79 13.41
CA GLY B 66 4.83 -33.24 13.30
C GLY B 66 4.57 -33.95 14.62
N ARG B 67 4.98 -33.33 15.72
CA ARG B 67 4.78 -33.89 17.06
C ARG B 67 3.62 -33.22 17.78
N PHE B 68 3.48 -31.87 17.68
CA PHE B 68 2.42 -31.15 18.39
C PHE B 68 1.23 -30.86 17.51
N THR B 69 0.00 -30.88 18.11
CA THR B 69 -1.28 -30.61 17.41
C THR B 69 -2.15 -29.61 18.21
N ILE B 70 -2.44 -28.45 17.60
CA ILE B 70 -3.30 -27.45 18.22
C ILE B 70 -4.74 -27.57 17.64
N SER B 71 -5.71 -27.82 18.57
CA SER B 71 -7.15 -28.06 18.40
C SER B 71 -7.78 -26.91 19.06
N ARG B 72 -9.11 -26.76 18.92
CA ARG B 72 -9.88 -25.67 19.51
C ARG B 72 -11.37 -26.02 19.56
N ASP B 73 -12.02 -25.83 20.74
CA ASP B 73 -13.47 -26.00 20.87
C ASP B 73 -14.12 -24.63 21.11
N ASN B 74 -14.80 -24.07 20.10
CA ASN B 74 -15.45 -22.77 20.28
C ASN B 74 -16.67 -22.86 21.21
N ALA B 75 -17.32 -24.05 21.28
CA ALA B 75 -18.49 -24.30 22.15
C ALA B 75 -18.11 -24.56 23.60
N LYS B 76 -16.90 -25.13 23.83
CA LYS B 76 -16.39 -25.46 25.16
C LYS B 76 -15.38 -24.42 25.68
N ASN B 77 -15.07 -23.40 24.89
CA ASN B 77 -14.13 -22.32 25.23
C ASN B 77 -12.76 -22.86 25.58
N THR B 78 -12.28 -23.84 24.80
CA THR B 78 -10.99 -24.48 25.05
C THR B 78 -10.09 -24.55 23.85
N VAL B 79 -8.80 -24.44 24.09
CA VAL B 79 -7.75 -24.62 23.10
C VAL B 79 -6.82 -25.72 23.67
N TYR B 80 -6.50 -26.76 22.86
CA TYR B 80 -5.65 -27.85 23.33
C TYR B 80 -4.33 -27.94 22.57
N LEU B 81 -3.34 -28.63 23.18
CA LEU B 81 -2.06 -28.93 22.58
C LEU B 81 -1.75 -30.38 22.84
N GLN B 82 -1.96 -31.24 21.83
CA GLN B 82 -1.63 -32.66 21.85
C GLN B 82 -0.16 -32.75 21.49
N MET B 83 0.70 -33.07 22.47
CA MET B 83 2.14 -33.22 22.29
C MET B 83 2.45 -34.70 22.18
N SER B 84 3.42 -35.03 21.34
CA SER B 84 3.78 -36.42 21.10
C SER B 84 5.29 -36.53 20.97
N SER B 85 5.83 -37.77 21.08
CA SER B 85 7.27 -38.07 20.97
C SER B 85 8.09 -36.92 21.59
N LEU B 86 7.81 -36.62 22.88
CA LEU B 86 8.40 -35.53 23.64
C LEU B 86 9.90 -35.72 23.85
N LYS B 87 10.70 -34.73 23.46
CA LYS B 87 12.15 -34.73 23.63
C LYS B 87 12.47 -33.97 24.96
N PRO B 88 13.63 -34.16 25.64
CA PRO B 88 13.88 -33.41 26.90
C PRO B 88 13.92 -31.90 26.72
N GLU B 89 14.32 -31.41 25.53
CA GLU B 89 14.36 -29.98 25.18
C GLU B 89 12.97 -29.30 25.17
N ASP B 90 11.87 -30.09 25.29
CA ASP B 90 10.51 -29.57 25.35
C ASP B 90 10.15 -29.18 26.81
N THR B 91 11.05 -29.47 27.80
CA THR B 91 10.89 -29.13 29.22
C THR B 91 10.82 -27.63 29.35
N ALA B 92 9.62 -27.14 29.66
CA ALA B 92 9.31 -25.71 29.80
C ALA B 92 7.99 -25.53 30.51
N VAL B 93 7.62 -24.26 30.74
CA VAL B 93 6.36 -23.76 31.30
C VAL B 93 5.51 -23.49 30.07
N TYR B 94 4.39 -24.20 29.91
CA TYR B 94 3.57 -23.93 28.74
C TYR B 94 2.45 -22.96 29.06
N TYR B 95 2.48 -21.84 28.34
CA TYR B 95 1.52 -20.76 28.40
C TYR B 95 0.59 -20.84 27.23
N CYS B 96 -0.62 -20.42 27.45
CA CYS B 96 -1.70 -20.34 26.50
C CYS B 96 -1.97 -18.86 26.32
N ALA B 97 -2.24 -18.44 25.09
CA ALA B 97 -2.45 -17.03 24.78
C ALA B 97 -3.66 -16.79 23.87
N ALA B 98 -4.23 -15.57 23.93
CA ALA B 98 -5.38 -15.17 23.11
C ALA B 98 -5.03 -13.95 22.25
N ASP B 99 -5.41 -14.01 20.97
CA ASP B 99 -5.13 -13.04 19.92
C ASP B 99 -3.64 -13.02 19.66
N VAL B 100 -3.11 -14.22 19.35
CA VAL B 100 -1.70 -14.46 19.05
C VAL B 100 -1.47 -14.08 17.59
N ARG B 101 -0.55 -13.14 17.35
CA ARG B 101 -0.27 -12.66 16.00
C ARG B 101 1.22 -12.51 15.76
N TRP B 102 1.67 -12.77 14.53
CA TRP B 102 3.06 -12.55 14.13
C TRP B 102 3.34 -11.03 14.21
N THR B 103 4.59 -10.65 14.46
CA THR B 103 4.98 -9.24 14.62
C THR B 103 6.06 -8.76 13.62
N GLY B 104 6.91 -9.68 13.17
CA GLY B 104 8.08 -9.42 12.36
C GLY B 104 9.35 -9.71 13.16
N ASP B 105 9.21 -9.88 14.50
CA ASP B 105 10.28 -10.16 15.47
C ASP B 105 9.95 -11.38 16.34
N GLY B 106 8.68 -11.79 16.30
CA GLY B 106 8.17 -12.90 17.08
C GLY B 106 6.68 -12.79 17.14
N HIS B 107 6.05 -13.34 18.18
CA HIS B 107 4.59 -13.26 18.37
C HIS B 107 4.22 -12.41 19.58
N ARG B 108 3.01 -11.86 19.53
CA ARG B 108 2.38 -11.05 20.57
C ARG B 108 1.01 -11.66 20.85
N ALA B 109 0.41 -11.30 22.00
CA ALA B 109 -0.90 -11.76 22.41
C ALA B 109 -1.56 -10.69 23.29
N ASP B 110 -2.90 -10.74 23.35
CA ASP B 110 -3.75 -9.84 24.11
C ASP B 110 -3.91 -10.34 25.53
N TYR B 111 -4.04 -11.66 25.70
CA TYR B 111 -4.27 -12.29 27.00
C TYR B 111 -3.27 -13.41 27.17
N TRP B 112 -2.92 -13.72 28.43
CA TRP B 112 -1.96 -14.77 28.77
C TRP B 112 -2.41 -15.68 29.90
N GLY B 113 -2.01 -16.92 29.85
CA GLY B 113 -2.30 -17.87 30.92
C GLY B 113 -1.25 -17.77 32.01
N GLN B 114 -1.36 -18.61 33.05
CA GLN B 114 -0.42 -18.57 34.17
C GLN B 114 0.73 -19.59 34.05
N GLY B 115 0.62 -20.48 33.06
CA GLY B 115 1.60 -21.53 32.84
C GLY B 115 1.27 -22.82 33.56
N THR B 116 1.75 -23.93 32.99
CA THR B 116 1.60 -25.30 33.50
C THR B 116 2.93 -25.97 33.14
N GLN B 117 3.70 -26.42 34.14
CA GLN B 117 5.02 -27.00 33.87
C GLN B 117 4.93 -28.36 33.17
N VAL B 118 5.86 -28.61 32.26
CA VAL B 118 5.95 -29.85 31.49
C VAL B 118 7.40 -30.31 31.57
N THR B 119 7.66 -31.44 32.26
CA THR B 119 9.01 -31.95 32.41
C THR B 119 9.18 -33.27 31.68
N VAL B 120 10.09 -33.29 30.69
CA VAL B 120 10.42 -34.45 29.90
C VAL B 120 11.76 -34.99 30.40
N SER B 121 11.69 -36.10 31.16
CA SER B 121 12.82 -36.75 31.81
C SER B 121 13.48 -37.79 30.95
N SER B 122 14.76 -37.51 30.62
CA SER B 122 15.66 -38.29 29.76
C SER B 122 15.86 -39.77 30.14
N GLY B 123 15.77 -40.07 31.43
CA GLY B 123 15.95 -41.42 31.97
C GLY B 123 14.68 -42.16 32.26
N ASP B 155 2.20 -24.45 -13.05
CA ASP B 155 2.14 -23.06 -12.59
C ASP B 155 0.74 -22.70 -12.06
N ILE B 156 0.66 -22.45 -10.70
CA ILE B 156 -0.55 -22.13 -9.92
C ILE B 156 -1.09 -20.73 -10.13
N GLN B 157 -2.40 -20.61 -10.35
CA GLN B 157 -3.04 -19.31 -10.46
C GLN B 157 -4.16 -19.16 -9.46
N MET B 158 -4.16 -17.96 -8.82
CA MET B 158 -5.09 -17.49 -7.82
C MET B 158 -6.04 -16.57 -8.55
N THR B 159 -7.31 -17.02 -8.72
CA THR B 159 -8.37 -16.34 -9.49
C THR B 159 -9.25 -15.53 -8.58
N GLN B 160 -8.96 -14.21 -8.49
CA GLN B 160 -9.64 -13.28 -7.59
C GLN B 160 -10.96 -12.70 -8.14
N SER B 161 -11.96 -12.52 -7.24
CA SER B 161 -13.32 -12.06 -7.54
C SER B 161 -13.92 -11.21 -6.40
N PRO B 162 -14.49 -10.03 -6.69
CA PRO B 162 -14.57 -9.35 -7.98
C PRO B 162 -13.30 -8.53 -8.21
N SER B 163 -13.18 -7.87 -9.36
CA SER B 163 -12.02 -7.02 -9.68
C SER B 163 -12.28 -5.61 -9.11
N SER B 164 -13.55 -5.21 -9.08
CA SER B 164 -14.00 -3.92 -8.61
C SER B 164 -15.13 -4.21 -7.65
N LEU B 165 -15.25 -3.36 -6.66
CA LEU B 165 -16.21 -3.52 -5.57
C LEU B 165 -16.44 -2.12 -5.08
N SER B 166 -17.68 -1.84 -4.65
CA SER B 166 -18.06 -0.53 -4.14
C SER B 166 -19.16 -0.78 -3.11
N ALA B 167 -18.99 -0.24 -1.88
CA ALA B 167 -19.99 -0.41 -0.84
C ALA B 167 -20.07 0.76 0.17
N SER B 168 -21.17 0.86 0.93
CA SER B 168 -21.24 1.92 1.92
C SER B 168 -20.50 1.55 3.23
N VAL B 169 -20.25 2.55 4.09
CA VAL B 169 -19.55 2.35 5.35
C VAL B 169 -20.37 1.42 6.28
N GLY B 170 -19.69 0.45 6.89
CA GLY B 170 -20.33 -0.51 7.79
C GLY B 170 -21.08 -1.62 7.08
N ASP B 171 -20.69 -1.90 5.83
CA ASP B 171 -21.23 -2.96 4.99
C ASP B 171 -20.20 -4.08 5.05
N ARG B 172 -20.65 -5.32 4.90
CA ARG B 172 -19.76 -6.47 4.94
C ARG B 172 -19.34 -6.78 3.52
N VAL B 173 -18.02 -6.80 3.26
CA VAL B 173 -17.56 -7.06 1.90
C VAL B 173 -16.76 -8.35 1.89
N THR B 174 -16.80 -9.07 0.76
CA THR B 174 -16.14 -10.36 0.61
C THR B 174 -15.40 -10.43 -0.72
N ILE B 175 -14.10 -10.82 -0.66
CA ILE B 175 -13.19 -11.01 -1.77
C ILE B 175 -12.77 -12.50 -1.77
N THR B 176 -13.30 -13.25 -2.74
CA THR B 176 -13.16 -14.69 -2.95
C THR B 176 -12.10 -14.90 -3.98
N CYS B 177 -11.14 -15.75 -3.66
CA CYS B 177 -9.94 -16.00 -4.46
C CYS B 177 -9.63 -17.51 -4.50
N ARG B 178 -9.84 -18.15 -5.68
CA ARG B 178 -9.70 -19.60 -5.94
C ARG B 178 -8.34 -20.02 -6.51
N ALA B 179 -7.63 -20.90 -5.79
CA ALA B 179 -6.36 -21.51 -6.20
C ALA B 179 -6.63 -22.53 -7.30
N SER B 180 -5.69 -22.67 -8.26
CA SER B 180 -5.87 -23.61 -9.37
C SER B 180 -5.73 -25.07 -8.90
N GLN B 181 -4.80 -25.31 -7.97
CA GLN B 181 -4.62 -26.59 -7.31
C GLN B 181 -4.45 -26.34 -5.83
N ASP B 182 -4.53 -27.37 -5.00
CA ASP B 182 -4.30 -27.25 -3.58
C ASP B 182 -3.00 -26.52 -3.25
N VAL B 183 -3.10 -25.57 -2.33
CA VAL B 183 -2.00 -24.73 -1.87
C VAL B 183 -1.99 -24.75 -0.34
N ASN B 184 -2.87 -25.60 0.25
CA ASN B 184 -3.06 -25.77 1.69
C ASN B 184 -3.51 -24.45 2.35
N THR B 185 -2.60 -23.81 3.12
CA THR B 185 -2.87 -22.53 3.77
C THR B 185 -1.75 -21.54 3.50
N ALA B 186 -0.92 -21.77 2.45
CA ALA B 186 0.15 -20.85 2.07
C ALA B 186 -0.48 -19.71 1.27
N VAL B 187 -1.37 -18.95 1.94
CA VAL B 187 -2.09 -17.86 1.31
C VAL B 187 -2.07 -16.62 2.22
N ALA B 188 -1.65 -15.49 1.67
CA ALA B 188 -1.60 -14.25 2.40
C ALA B 188 -2.47 -13.16 1.71
N TRP B 189 -3.15 -12.30 2.52
CA TRP B 189 -3.96 -11.18 2.06
C TRP B 189 -3.24 -9.89 2.30
N TYR B 190 -3.10 -9.09 1.22
CA TYR B 190 -2.39 -7.80 1.18
C TYR B 190 -3.30 -6.72 0.73
N GLN B 191 -3.29 -5.57 1.43
CA GLN B 191 -3.98 -4.35 1.03
C GLN B 191 -2.94 -3.37 0.53
N GLN B 192 -3.20 -2.74 -0.60
CA GLN B 192 -2.35 -1.70 -1.19
C GLN B 192 -3.19 -0.48 -1.47
N LYS B 193 -2.77 0.66 -0.93
CA LYS B 193 -3.41 1.96 -1.09
C LYS B 193 -2.61 2.73 -2.14
N PRO B 194 -3.12 3.83 -2.75
CA PRO B 194 -2.32 4.56 -3.76
C PRO B 194 -1.01 5.14 -3.24
N GLY B 195 0.00 5.15 -4.11
CA GLY B 195 1.32 5.73 -3.85
C GLY B 195 2.27 4.84 -3.09
N LYS B 196 1.73 4.11 -2.10
CA LYS B 196 2.46 3.24 -1.18
C LYS B 196 2.49 1.76 -1.62
N ALA B 197 3.38 0.98 -0.94
CA ALA B 197 3.72 -0.45 -1.04
C ALA B 197 2.67 -1.39 -0.42
N PRO B 198 2.53 -2.67 -0.89
CA PRO B 198 1.51 -3.56 -0.29
C PRO B 198 1.77 -3.87 1.18
N LYS B 199 0.70 -3.88 1.96
CA LYS B 199 0.75 -4.12 3.39
C LYS B 199 0.09 -5.47 3.70
N LEU B 200 0.71 -6.25 4.63
CA LEU B 200 0.23 -7.57 5.04
C LEU B 200 -0.96 -7.46 6.03
N LEU B 201 -2.12 -8.01 5.61
CA LEU B 201 -3.32 -8.03 6.45
C LEU B 201 -3.52 -9.38 7.11
N ILE B 202 -3.63 -10.47 6.31
CA ILE B 202 -3.86 -11.85 6.75
C ILE B 202 -2.72 -12.82 6.27
N TYR B 203 -2.29 -13.73 7.14
CA TYR B 203 -1.26 -14.70 6.80
C TYR B 203 -1.73 -16.12 7.06
N SER B 204 -1.14 -17.11 6.41
CA SER B 204 -1.57 -18.50 6.57
C SER B 204 -3.13 -18.65 6.48
N ALA B 205 -3.75 -18.01 5.44
CA ALA B 205 -5.17 -18.01 5.07
C ALA B 205 -6.14 -17.33 6.06
N SER B 206 -5.97 -17.53 7.41
CA SER B 206 -6.92 -17.02 8.39
C SER B 206 -6.29 -16.27 9.60
N PHE B 207 -4.98 -16.05 9.58
CA PHE B 207 -4.35 -15.38 10.72
C PHE B 207 -4.15 -13.89 10.50
N LEU B 208 -4.44 -13.09 11.51
CA LEU B 208 -4.28 -11.64 11.42
C LEU B 208 -2.89 -11.24 11.85
N TYR B 209 -2.28 -10.34 11.10
CA TYR B 209 -0.97 -9.77 11.38
C TYR B 209 -1.18 -8.74 12.47
N SER B 210 -0.10 -8.42 13.22
CA SER B 210 -0.11 -7.42 14.29
C SER B 210 -0.36 -6.01 13.76
N GLY B 211 -1.43 -5.41 14.28
CA GLY B 211 -1.83 -4.05 13.91
C GLY B 211 -3.18 -3.97 13.20
N VAL B 212 -3.44 -4.88 12.25
CA VAL B 212 -4.65 -5.01 11.40
C VAL B 212 -5.91 -5.01 12.27
N PRO B 213 -6.94 -4.17 11.93
CA PRO B 213 -8.19 -4.17 12.73
C PRO B 213 -8.97 -5.48 12.60
N SER B 214 -9.70 -5.84 13.66
CA SER B 214 -10.49 -7.08 13.74
C SER B 214 -11.66 -7.21 12.71
N ARG B 215 -11.93 -6.15 11.91
CA ARG B 215 -13.00 -6.21 10.90
C ARG B 215 -12.64 -7.10 9.69
N PHE B 216 -11.33 -7.40 9.53
CA PHE B 216 -10.83 -8.28 8.48
C PHE B 216 -10.64 -9.72 9.00
N SER B 217 -11.30 -10.72 8.36
CA SER B 217 -11.14 -12.14 8.67
C SER B 217 -10.89 -12.94 7.40
N GLY B 218 -9.97 -13.90 7.48
CA GLY B 218 -9.66 -14.80 6.40
C GLY B 218 -10.25 -16.18 6.62
N SER B 219 -10.58 -16.88 5.53
CA SER B 219 -11.16 -18.23 5.57
C SER B 219 -10.66 -19.07 4.44
N ARG B 220 -10.52 -20.36 4.68
CA ARG B 220 -10.05 -21.35 3.72
C ARG B 220 -11.08 -22.46 3.63
N SER B 221 -11.28 -22.95 2.40
CA SER B 221 -12.08 -24.13 2.12
C SER B 221 -11.52 -24.83 0.87
N GLY B 222 -10.45 -25.55 1.07
CA GLY B 222 -9.78 -26.32 0.03
C GLY B 222 -8.86 -25.47 -0.80
N THR B 223 -9.42 -24.91 -1.91
CA THR B 223 -8.72 -24.02 -2.87
C THR B 223 -9.29 -22.61 -2.82
N ASP B 224 -10.44 -22.43 -2.18
CA ASP B 224 -11.18 -21.18 -2.04
C ASP B 224 -10.80 -20.42 -0.78
N PHE B 225 -10.27 -19.20 -0.94
CA PHE B 225 -9.84 -18.36 0.18
C PHE B 225 -10.59 -17.05 0.15
N THR B 226 -11.35 -16.77 1.22
CA THR B 226 -12.12 -15.54 1.31
C THR B 226 -11.52 -14.58 2.34
N LEU B 227 -11.69 -13.28 2.09
CA LEU B 227 -11.30 -12.17 2.95
C LEU B 227 -12.62 -11.49 3.26
N THR B 228 -12.88 -11.15 4.54
CA THR B 228 -14.13 -10.47 4.86
C THR B 228 -13.89 -9.21 5.67
N ILE B 229 -14.17 -8.03 5.09
CA ILE B 229 -14.11 -6.76 5.83
C ILE B 229 -15.54 -6.53 6.29
N SER B 230 -15.84 -6.77 7.57
CA SER B 230 -17.17 -6.72 8.16
C SER B 230 -17.78 -5.35 8.30
N SER B 231 -17.01 -4.34 8.74
CA SER B 231 -17.58 -3.01 8.93
C SER B 231 -16.75 -2.00 8.17
N LEU B 232 -16.87 -2.06 6.83
CA LEU B 232 -16.14 -1.24 5.85
C LEU B 232 -16.01 0.22 6.29
N GLN B 233 -14.79 0.74 6.19
CA GLN B 233 -14.41 2.07 6.64
C GLN B 233 -13.84 2.96 5.53
N PRO B 234 -13.94 4.30 5.64
CA PRO B 234 -13.36 5.17 4.62
C PRO B 234 -11.86 5.00 4.38
N GLU B 235 -11.13 4.33 5.30
CA GLU B 235 -9.70 4.03 5.18
C GLU B 235 -9.42 2.59 4.66
N ASP B 236 -10.47 1.89 4.22
CA ASP B 236 -10.32 0.56 3.64
C ASP B 236 -10.33 0.68 2.10
N PHE B 237 -10.33 1.92 1.59
CA PHE B 237 -10.24 2.14 0.18
C PHE B 237 -8.84 1.61 -0.18
N ALA B 238 -8.78 0.63 -1.10
CA ALA B 238 -7.54 0.01 -1.54
C ALA B 238 -7.82 -1.05 -2.55
N THR B 239 -6.75 -1.66 -3.04
CA THR B 239 -6.74 -2.81 -3.91
C THR B 239 -6.18 -3.92 -3.01
N TYR B 240 -6.89 -5.04 -2.90
CA TYR B 240 -6.48 -6.20 -2.09
C TYR B 240 -6.13 -7.31 -3.02
N TYR B 241 -5.06 -8.05 -2.70
CA TYR B 241 -4.57 -9.19 -3.46
C TYR B 241 -4.37 -10.32 -2.49
N CYS B 242 -4.65 -11.53 -2.96
CA CYS B 242 -4.39 -12.81 -2.30
C CYS B 242 -3.11 -13.21 -2.97
N GLN B 243 -2.34 -14.10 -2.34
CA GLN B 243 -1.07 -14.55 -2.89
C GLN B 243 -0.79 -15.93 -2.36
N GLN B 244 -0.36 -16.85 -3.23
CA GLN B 244 0.07 -18.19 -2.88
C GLN B 244 1.62 -18.26 -2.94
N HIS B 245 2.26 -18.80 -1.90
CA HIS B 245 3.71 -19.00 -1.80
C HIS B 245 3.92 -20.48 -1.56
N TYR B 246 2.91 -21.29 -1.94
CA TYR B 246 2.98 -22.75 -1.85
C TYR B 246 4.04 -23.34 -2.79
N THR B 247 4.18 -22.76 -3.99
CA THR B 247 5.20 -23.14 -4.97
C THR B 247 5.95 -21.90 -5.48
N THR B 248 6.97 -22.16 -6.32
CA THR B 248 7.72 -21.16 -7.04
C THR B 248 7.20 -21.25 -8.51
N PRO B 249 6.63 -20.11 -9.00
CA PRO B 249 6.65 -18.79 -8.34
C PRO B 249 5.50 -18.52 -7.39
N PRO B 250 5.70 -17.72 -6.30
CA PRO B 250 4.53 -17.21 -5.56
C PRO B 250 3.72 -16.36 -6.55
N THR B 251 2.39 -16.60 -6.68
CA THR B 251 1.56 -15.89 -7.67
C THR B 251 0.44 -15.04 -7.03
N PHE B 252 0.17 -13.86 -7.60
CA PHE B 252 -0.85 -12.96 -7.06
C PHE B 252 -2.16 -12.99 -7.86
N GLY B 253 -3.24 -12.53 -7.26
CA GLY B 253 -4.52 -12.44 -7.93
C GLY B 253 -4.72 -11.08 -8.55
N GLN B 254 -5.64 -11.00 -9.55
CA GLN B 254 -6.14 -9.84 -10.30
C GLN B 254 -6.18 -8.53 -9.45
N GLY B 255 -6.48 -8.72 -8.14
CA GLY B 255 -6.64 -7.68 -7.13
C GLY B 255 -8.10 -7.33 -7.03
N THR B 256 -8.47 -6.45 -6.06
CA THR B 256 -9.85 -5.99 -5.91
C THR B 256 -9.86 -4.56 -5.47
N LYS B 257 -10.21 -3.65 -6.39
CA LYS B 257 -10.32 -2.26 -5.99
C LYS B 257 -11.64 -2.06 -5.27
N VAL B 258 -11.52 -1.76 -3.99
CA VAL B 258 -12.64 -1.51 -3.10
C VAL B 258 -12.85 0.00 -3.05
N GLU B 259 -14.04 0.43 -3.44
CA GLU B 259 -14.44 1.83 -3.44
C GLU B 259 -15.36 2.01 -2.24
N ILE B 260 -15.19 3.09 -1.48
CA ILE B 260 -16.05 3.38 -0.34
C ILE B 260 -17.13 4.38 -0.81
N LYS B 261 -18.41 4.06 -0.57
CA LYS B 261 -19.52 4.94 -0.96
C LYS B 261 -19.72 5.93 0.16
N ARG B 262 -20.07 7.16 -0.21
CA ARG B 262 -20.40 8.17 0.77
C ARG B 262 -21.66 8.85 0.28
N THR B 263 -22.06 9.95 0.97
CA THR B 263 -23.22 10.73 0.57
C THR B 263 -22.78 11.64 -0.57
N VAL B 264 -23.70 11.96 -1.48
CA VAL B 264 -23.50 12.86 -2.61
C VAL B 264 -22.96 14.17 -2.04
N ALA B 265 -21.77 14.59 -2.48
CA ALA B 265 -21.12 15.82 -2.03
C ALA B 265 -20.61 16.62 -3.23
N ALA B 266 -21.10 17.85 -3.38
CA ALA B 266 -20.75 18.77 -4.45
C ALA B 266 -19.29 19.27 -4.42
N PRO B 267 -18.66 19.52 -5.59
CA PRO B 267 -17.29 20.03 -5.58
C PRO B 267 -17.20 21.51 -5.24
N SER B 268 -16.08 21.88 -4.60
CA SER B 268 -15.75 23.27 -4.35
C SER B 268 -14.86 23.64 -5.58
N VAL B 269 -15.39 24.47 -6.49
CA VAL B 269 -14.71 24.86 -7.73
C VAL B 269 -13.88 26.14 -7.55
N PHE B 270 -12.60 26.09 -7.96
CA PHE B 270 -11.68 27.24 -7.87
C PHE B 270 -11.03 27.48 -9.22
N ILE B 271 -10.72 28.76 -9.56
CA ILE B 271 -10.09 29.04 -10.84
C ILE B 271 -8.73 29.73 -10.65
N PHE B 272 -7.72 29.17 -11.37
CA PHE B 272 -6.30 29.56 -11.33
C PHE B 272 -5.75 30.04 -12.71
N PRO B 273 -5.55 31.37 -12.87
CA PRO B 273 -4.96 31.89 -14.12
C PRO B 273 -3.47 31.54 -14.28
N PRO B 274 -2.85 31.83 -15.45
CA PRO B 274 -1.41 31.58 -15.60
C PRO B 274 -0.61 32.56 -14.76
N SER B 275 0.55 32.13 -14.28
CA SER B 275 1.46 33.00 -13.54
C SER B 275 2.15 33.91 -14.57
N ASP B 276 2.87 34.93 -14.10
CA ASP B 276 3.62 35.79 -15.00
C ASP B 276 4.90 35.07 -15.46
N GLU B 277 5.38 34.11 -14.64
CA GLU B 277 6.54 33.24 -14.89
C GLU B 277 6.32 32.39 -16.15
N GLN B 278 5.11 31.79 -16.26
CA GLN B 278 4.70 30.92 -17.36
C GLN B 278 4.47 31.74 -18.61
N LEU B 279 3.96 32.96 -18.44
CA LEU B 279 3.70 33.87 -19.54
C LEU B 279 4.97 34.45 -20.17
N LYS B 280 6.13 34.43 -19.45
CA LYS B 280 7.40 34.91 -20.02
C LYS B 280 7.81 33.99 -21.17
N SER B 281 7.52 32.68 -21.02
CA SER B 281 7.68 31.67 -22.06
C SER B 281 6.44 31.80 -23.01
N GLY B 282 6.36 30.93 -24.00
CA GLY B 282 5.26 31.04 -24.96
C GLY B 282 3.96 30.34 -24.61
N THR B 283 3.79 29.93 -23.34
CA THR B 283 2.60 29.18 -22.94
C THR B 283 1.83 29.79 -21.76
N ALA B 284 0.53 29.45 -21.69
CA ALA B 284 -0.35 29.82 -20.63
C ALA B 284 -1.23 28.61 -20.27
N SER B 285 -1.08 28.10 -19.01
CA SER B 285 -1.90 27.01 -18.50
C SER B 285 -2.89 27.67 -17.54
N VAL B 286 -4.17 27.29 -17.61
CA VAL B 286 -5.28 27.81 -16.78
C VAL B 286 -5.93 26.58 -16.12
N VAL B 287 -5.70 26.39 -14.83
CA VAL B 287 -6.19 25.25 -14.07
C VAL B 287 -7.52 25.53 -13.38
N CYS B 288 -8.44 24.58 -13.49
CA CYS B 288 -9.71 24.64 -12.79
C CYS B 288 -9.67 23.50 -11.78
N LEU B 289 -9.76 23.83 -10.47
CA LEU B 289 -9.78 22.84 -9.41
C LEU B 289 -11.21 22.54 -8.99
N LEU B 290 -11.55 21.25 -8.83
CA LEU B 290 -12.86 20.74 -8.41
C LEU B 290 -12.51 19.97 -7.20
N ASN B 291 -12.57 20.60 -6.03
CA ASN B 291 -12.13 19.96 -4.82
C ASN B 291 -13.18 19.23 -4.06
N ASN B 292 -12.80 18.02 -3.61
CA ASN B 292 -13.54 17.07 -2.74
C ASN B 292 -15.03 16.85 -3.11
N PHE B 293 -15.28 15.97 -4.11
CA PHE B 293 -16.64 15.66 -4.55
C PHE B 293 -16.97 14.18 -4.55
N TYR B 294 -18.26 13.85 -4.64
CA TYR B 294 -18.75 12.48 -4.73
C TYR B 294 -20.18 12.44 -5.30
N PRO B 295 -20.47 11.51 -6.26
CA PRO B 295 -19.60 10.50 -6.90
C PRO B 295 -18.52 11.10 -7.83
N ARG B 296 -17.65 10.22 -8.45
CA ARG B 296 -16.54 10.68 -9.30
C ARG B 296 -17.00 11.34 -10.61
N GLU B 297 -18.20 11.04 -11.11
CA GLU B 297 -18.65 11.63 -12.36
C GLU B 297 -19.03 13.12 -12.20
N ALA B 298 -18.19 13.99 -12.78
CA ALA B 298 -18.34 15.44 -12.88
C ALA B 298 -18.06 15.73 -14.34
N LYS B 299 -18.53 16.88 -14.84
CA LYS B 299 -18.34 17.36 -16.20
C LYS B 299 -17.76 18.78 -16.07
N VAL B 300 -16.72 19.09 -16.86
CA VAL B 300 -16.06 20.40 -16.86
C VAL B 300 -15.99 20.90 -18.30
N GLN B 301 -16.47 22.15 -18.56
CA GLN B 301 -16.44 22.80 -19.88
C GLN B 301 -15.69 24.12 -19.78
N TRP B 302 -14.73 24.33 -20.69
CA TRP B 302 -14.04 25.60 -20.73
C TRP B 302 -14.77 26.52 -21.71
N LYS B 303 -14.75 27.81 -21.40
CA LYS B 303 -15.35 28.88 -22.21
C LYS B 303 -14.34 30.01 -22.17
N VAL B 304 -14.02 30.54 -23.36
CA VAL B 304 -13.06 31.63 -23.49
C VAL B 304 -13.77 32.68 -24.33
N ASP B 305 -14.30 33.75 -23.65
CA ASP B 305 -15.12 34.85 -24.23
C ASP B 305 -16.47 34.28 -24.70
N ASN B 306 -17.11 33.44 -23.84
CA ASN B 306 -18.37 32.72 -24.04
C ASN B 306 -18.27 31.60 -25.08
N ALA B 307 -17.07 31.47 -25.71
CA ALA B 307 -16.73 30.47 -26.75
C ALA B 307 -16.25 29.16 -26.12
N LEU B 308 -17.11 28.13 -26.21
CA LEU B 308 -16.85 26.80 -25.65
C LEU B 308 -15.62 26.17 -26.30
N GLN B 309 -14.67 25.69 -25.48
CA GLN B 309 -13.40 25.10 -25.90
C GLN B 309 -13.46 23.58 -25.96
N SER B 310 -12.68 22.99 -26.89
CA SER B 310 -12.55 21.54 -27.08
C SER B 310 -11.16 21.17 -27.57
N GLY B 311 -10.62 20.05 -27.07
CA GLY B 311 -9.32 19.52 -27.44
C GLY B 311 -8.09 20.34 -27.08
N ASN B 312 -8.23 21.27 -26.12
CA ASN B 312 -7.16 22.17 -25.64
C ASN B 312 -6.97 22.12 -24.11
N SER B 313 -7.73 21.20 -23.45
CA SER B 313 -7.73 20.96 -22.00
C SER B 313 -7.43 19.49 -21.64
N GLN B 314 -6.76 19.26 -20.50
CA GLN B 314 -6.39 17.92 -20.02
C GLN B 314 -6.88 17.69 -18.61
N GLU B 315 -7.46 16.51 -18.36
CA GLU B 315 -8.01 16.19 -17.05
C GLU B 315 -7.18 15.22 -16.25
N SER B 316 -7.31 15.30 -14.93
CA SER B 316 -6.71 14.40 -13.98
C SER B 316 -7.58 14.39 -12.73
N VAL B 317 -7.93 13.18 -12.25
CA VAL B 317 -8.74 12.96 -11.05
C VAL B 317 -7.91 12.21 -10.03
N THR B 318 -7.95 12.66 -8.76
CA THR B 318 -7.24 11.97 -7.68
C THR B 318 -7.95 10.68 -7.30
N GLU B 319 -7.25 9.88 -6.52
CA GLU B 319 -7.72 8.62 -5.96
C GLU B 319 -8.53 8.99 -4.71
N GLN B 320 -9.66 8.30 -4.47
CA GLN B 320 -10.56 8.49 -3.33
C GLN B 320 -9.80 8.60 -2.00
N ASP B 321 -10.25 9.52 -1.11
CA ASP B 321 -9.67 9.83 0.21
C ASP B 321 -9.80 8.73 1.24
N SER B 322 -8.73 8.50 2.01
CA SER B 322 -8.66 7.50 3.10
C SER B 322 -9.42 8.00 4.35
N LYS B 323 -9.85 9.29 4.33
CA LYS B 323 -10.57 9.95 5.42
C LYS B 323 -12.00 10.26 5.05
N ASP B 324 -12.24 11.05 4.02
CA ASP B 324 -13.62 11.44 3.71
C ASP B 324 -14.25 10.82 2.45
N SER B 325 -13.61 9.84 1.79
CA SER B 325 -14.16 9.16 0.61
C SER B 325 -14.46 10.06 -0.62
N THR B 326 -13.90 11.30 -0.67
CA THR B 326 -14.11 12.23 -1.79
C THR B 326 -13.05 12.08 -2.91
N TYR B 327 -13.31 12.72 -4.08
CA TYR B 327 -12.47 12.78 -5.28
C TYR B 327 -12.21 14.22 -5.58
N SER B 328 -11.13 14.54 -6.30
CA SER B 328 -10.84 15.93 -6.71
C SER B 328 -10.41 15.91 -8.17
N LEU B 329 -10.59 16.98 -8.91
CA LEU B 329 -10.28 16.94 -10.31
C LEU B 329 -9.69 18.25 -10.81
N SER B 330 -8.71 18.15 -11.72
CA SER B 330 -8.05 19.30 -12.32
C SER B 330 -8.12 19.23 -13.81
N SER B 331 -8.74 20.24 -14.41
CA SER B 331 -8.85 20.45 -15.87
C SER B 331 -7.92 21.60 -16.15
N THR B 332 -6.88 21.35 -16.93
CA THR B 332 -5.90 22.37 -17.31
C THR B 332 -6.18 22.78 -18.74
N LEU B 333 -6.36 24.09 -18.99
CA LEU B 333 -6.53 24.63 -20.35
C LEU B 333 -5.15 25.16 -20.78
N THR B 334 -4.49 24.48 -21.70
CA THR B 334 -3.18 24.94 -22.14
C THR B 334 -3.29 25.59 -23.51
N LEU B 335 -2.96 26.90 -23.58
CA LEU B 335 -2.92 27.78 -24.76
C LEU B 335 -1.56 28.49 -24.88
N SER B 336 -1.34 29.18 -26.01
CA SER B 336 -0.12 29.95 -26.26
C SER B 336 -0.19 31.29 -25.52
N LYS B 337 0.97 31.93 -25.26
CA LYS B 337 1.06 33.25 -24.62
C LYS B 337 0.20 34.24 -25.39
N ALA B 338 0.33 34.22 -26.74
CA ALA B 338 -0.37 35.04 -27.73
C ALA B 338 -1.89 34.91 -27.67
N ASP B 339 -2.43 33.66 -27.70
CA ASP B 339 -3.87 33.39 -27.66
C ASP B 339 -4.54 33.84 -26.36
N TYR B 340 -3.78 33.73 -25.26
CA TYR B 340 -4.24 34.17 -23.94
C TYR B 340 -4.43 35.71 -23.96
N GLU B 341 -3.54 36.42 -24.68
CA GLU B 341 -3.57 37.87 -24.87
C GLU B 341 -4.69 38.31 -25.84
N LYS B 342 -5.23 37.37 -26.65
CA LYS B 342 -6.33 37.67 -27.59
C LYS B 342 -7.64 37.93 -26.86
N HIS B 343 -8.03 36.98 -25.96
CA HIS B 343 -9.31 37.00 -25.27
C HIS B 343 -9.33 37.63 -23.86
N LYS B 344 -10.57 37.93 -23.40
CA LYS B 344 -10.93 38.61 -22.15
C LYS B 344 -11.23 37.66 -20.98
N VAL B 345 -12.42 37.05 -21.01
CA VAL B 345 -12.92 36.16 -19.97
C VAL B 345 -12.44 34.75 -20.22
N TYR B 346 -12.07 34.05 -19.13
CA TYR B 346 -11.57 32.69 -19.10
C TYR B 346 -12.38 31.95 -18.05
N ALA B 347 -13.49 31.30 -18.49
CA ALA B 347 -14.42 30.62 -17.56
C ALA B 347 -14.31 29.11 -17.54
N CYS B 348 -14.56 28.51 -16.36
CA CYS B 348 -14.61 27.07 -16.12
C CYS B 348 -16.05 26.75 -15.71
N GLU B 349 -16.71 25.79 -16.39
CA GLU B 349 -18.09 25.44 -16.05
C GLU B 349 -18.26 23.98 -15.67
N VAL B 350 -18.64 23.78 -14.41
CA VAL B 350 -18.77 22.49 -13.71
C VAL B 350 -20.23 22.00 -13.51
N THR B 351 -20.47 20.69 -13.79
CA THR B 351 -21.75 20.01 -13.64
C THR B 351 -21.57 18.76 -12.74
N HIS B 352 -22.39 18.61 -11.65
CA HIS B 352 -22.34 17.48 -10.70
C HIS B 352 -23.67 17.20 -9.94
N GLN B 353 -23.86 15.93 -9.49
CA GLN B 353 -25.00 15.39 -8.73
C GLN B 353 -25.33 16.26 -7.52
N GLY B 354 -24.28 16.66 -6.77
CA GLY B 354 -24.34 17.51 -5.58
C GLY B 354 -24.79 18.94 -5.83
N LEU B 355 -25.06 19.28 -7.12
CA LEU B 355 -25.50 20.59 -7.56
C LEU B 355 -26.86 20.53 -8.29
N SER B 356 -27.73 21.53 -7.97
CA SER B 356 -29.06 21.68 -8.60
C SER B 356 -28.90 22.38 -9.97
N SER B 357 -27.79 23.14 -10.13
CA SER B 357 -27.43 23.99 -11.27
C SER B 357 -25.88 24.00 -11.56
N PRO B 358 -25.44 24.30 -12.83
CA PRO B 358 -23.98 24.34 -13.12
C PRO B 358 -23.20 25.49 -12.48
N VAL B 359 -21.99 25.19 -11.97
CA VAL B 359 -21.12 26.16 -11.31
C VAL B 359 -20.11 26.72 -12.28
N THR B 360 -20.12 28.03 -12.45
CA THR B 360 -19.19 28.71 -13.32
C THR B 360 -18.28 29.59 -12.48
N LYS B 361 -16.96 29.45 -12.70
CA LYS B 361 -15.92 30.24 -12.04
C LYS B 361 -15.08 30.82 -13.14
N SER B 362 -14.77 32.10 -13.04
CA SER B 362 -14.07 32.84 -14.09
C SER B 362 -13.21 33.96 -13.56
N PHE B 363 -12.55 34.66 -14.48
CA PHE B 363 -11.72 35.82 -14.28
C PHE B 363 -11.54 36.50 -15.63
N ASN B 364 -11.19 37.78 -15.59
CA ASN B 364 -10.90 38.57 -16.79
C ASN B 364 -9.40 38.80 -16.75
N ARG B 365 -8.75 38.62 -17.88
CA ARG B 365 -7.32 38.84 -17.97
C ARG B 365 -7.09 40.35 -17.81
N GLY B 366 -6.08 40.72 -17.03
CA GLY B 366 -5.74 42.13 -16.79
C GLY B 366 -6.36 42.78 -15.57
N GLU B 367 -7.45 42.19 -15.02
CA GLU B 367 -8.06 42.74 -13.82
C GLU B 367 -7.35 42.19 -12.59
N CYS B 368 -7.22 43.00 -11.53
CA CYS B 368 -6.57 42.59 -10.27
C CYS B 368 -7.40 41.54 -9.51
S SO4 C . 12.31 -23.05 19.57
O1 SO4 C . 11.68 -21.85 18.99
O2 SO4 C . 12.49 -24.01 18.51
O3 SO4 C . 11.46 -23.66 20.59
O4 SO4 C . 13.61 -22.69 20.15
S SO4 D . -9.85 -3.47 16.47
O1 SO4 D . -9.57 -2.05 16.22
O2 SO4 D . -10.98 -3.87 15.63
O3 SO4 D . -10.18 -3.69 17.89
O4 SO4 D . -8.66 -4.27 16.11
S SO4 E . 10.40 -16.72 19.37
O1 SO4 E . 8.95 -16.48 19.39
O2 SO4 E . 11.02 -15.90 18.32
O3 SO4 E . 10.69 -18.12 19.13
O4 SO4 E . 10.97 -16.35 20.66
S SO4 F . 2.35 -21.23 5.36
O1 SO4 F . 1.27 -20.24 5.29
O2 SO4 F . 3.64 -20.61 4.98
O3 SO4 F . 2.42 -21.79 6.72
O4 SO4 F . 2.06 -22.32 4.44
#